data_7V3T
#
_entry.id   7V3T
#
loop_
_entity.id
_entity.type
_entity.pdbx_description
1 polymer "TBA G4 DNA (5'-D(*GP*GP*TP*TP*GP*GP*TP*GP*TP*GP*GP*TP*TP*GP*G)-3')"
2 non-polymer 11,13-bis(fluoranyl)-8-(1-methyl-3-pyridin-2-yl-imidazol-2-yl)-8-(1-methyl-3-pyridin-2-yl-imidazol-2-yl)-7$l^{4}-aza-8$l^{4}-platinatricyclo[7.4.0.0^{2,7}]trideca-1(9),2(7),3,5,10,12-hexaene
#
_entity_poly.entity_id   1
_entity_poly.type   'polydeoxyribonucleotide'
_entity_poly.pdbx_seq_one_letter_code
;(DG)(DG)(DT)(DT)(DG)(DG)(DT)(DG)(DT)(DG)(DG)(DT)(DT)(DG)(DG)
;
_entity_poly.pdbx_strand_id   A
#
loop_
_chem_comp.id
_chem_comp.type
_chem_comp.name
_chem_comp.formula
5L1 non-polymer 11,13-bis(fluoranyl)-8-(1-methyl-3-pyridin-2-yl-imidazol-2-yl)-8-(1-methyl-3-pyridin-2-yl-imidazol-2-yl)-7$l^{4}-aza-8$l^{4}-platinatricyclo[7.4.0.0^{2,7}]trideca-1(9),2(7),3,5,10,12-hexaene 'C29 H24 F2 N7 Pt'
DG DNA linking 2'-DEOXYGUANOSINE-5'-MONOPHOSPHATE 'C10 H14 N5 O7 P'
DT DNA linking THYMIDINE-5'-MONOPHOSPHATE 'C10 H15 N2 O8 P'
#
# COMPACT_ATOMS: atom_id res chain seq x y z
PT1 5L1 B . 0.36 0.28 -0.33
N7 5L1 B . 0.11 -2.14 -2.16
N6 5L1 B . 2.11 -2.11 -1.41
N5 5L1 B . 3.70 -0.44 -0.54
N3 5L1 B . -2.53 0.38 -1.47
C19 5L1 B . -1.20 0.64 -1.60
N1 5L1 B . -0.22 1.97 0.66
C28 5L1 B . 0.92 -1.46 -1.35
N4 5L1 B . -1.12 1.21 -2.83
C25 5L1 B . 3.38 -1.69 -0.75
N2 5L1 B . -2.58 -1.23 0.34
C27 5L1 B . 0.76 -3.22 -2.73
C11 5L1 B . 1.75 0.30 1.17
C17 5L1 B . -3.24 0.79 -2.60
C18 5L1 B . -2.35 1.29 -3.44
C15 5L1 B . -4.54 0.11 -0.13
C24 5L1 B . 4.11 -2.79 -0.34
C26 5L1 B . 2.02 -3.22 -2.26
C16 5L1 B . -3.24 -0.30 -0.36
C14 5L1 B . -5.20 -0.49 0.91
C29 5L1 B . -1.31 -1.80 -2.48
C23 5L1 B . 5.31 -2.54 0.30
C20 5L1 B . 0.13 1.65 -3.45
C22 5L1 B . 5.71 -1.24 0.50
C5 5L1 B . 0.51 2.27 1.80
C21 5L1 B . 4.87 -0.24 0.10
C6 5L1 B . 1.63 1.35 2.03
F2 5L1 B . 4.77 -1.25 2.51
C13 5L1 B . -4.58 -1.47 1.66
C10 5L1 B . 2.81 -0.58 1.33
C12 5L1 B . -3.28 -1.81 1.37
C1 5L1 B . -1.28 2.72 0.33
F1 5L1 B . 2.41 2.51 3.98
C4 5L1 B . 0.12 3.36 2.59
C9 5L1 B . 3.68 -0.36 2.35
C7 5L1 B . 2.58 1.48 3.08
C8 5L1 B . 3.61 0.64 3.25
C3 5L1 B . -0.97 4.10 2.24
C2 5L1 B . -1.72 3.83 1.09
H27 5L1 B . 0.34 -3.94 -3.42
H17 5L1 B . -4.32 0.72 -2.75
H18 5L1 B . -2.55 1.68 -4.44
H15 5L1 B . -5.01 0.89 -0.73
H24 5L1 B . 3.76 -3.81 -0.50
H26 5L1 B . 2.80 -3.93 -2.49
H14 5L1 B . -6.23 -0.20 1.14
H3C 5L1 B . -1.91 -1.84 -1.57
H3A 5L1 B . -1.70 -2.51 -3.21
H3B 5L1 B . -1.35 -0.80 -2.90
H23 5L1 B . 5.95 -3.36 0.62
H2A 5L1 B . 0.18 2.75 -3.42
H2B 5L1 B . 0.16 1.32 -4.49
H2C 5L1 B . 0.98 1.24 -2.91
H22 5L1 B . 6.67 -1.01 0.98
H21 5L1 B . 5.18 0.79 0.29
H13 5L1 B . -5.10 -1.97 2.47
H10 5L1 B . 2.94 -1.43 0.67
H12 5L1 B . -2.79 -2.57 1.97
H1 5L1 B . -1.83 2.46 -0.56
H4 5L1 B . 0.68 3.62 3.49
H8 5L1 B . 4.34 0.76 4.03
H3 5L1 B . -1.26 4.93 2.87
H2 5L1 B . -2.59 4.42 0.80
PT1 5L1 B . 0.27 0.20 0.12
N7 5L1 B . 0.07 -2.18 -1.77
N6 5L1 B . 2.08 -2.12 -1.00
N5 5L1 B . 3.63 -0.53 -0.01
N3 5L1 B . -2.64 0.26 -0.99
C19 5L1 B . -1.32 0.57 -1.13
N1 5L1 B . -0.35 1.86 1.15
C28 5L1 B . 0.87 -1.48 -0.94
N4 5L1 B . -1.25 1.15 -2.34
C25 5L1 B . 3.32 -1.79 -0.28
N2 5L1 B . -2.62 -1.40 0.79
C27 5L1 B . 0.74 -3.22 -2.36
C11 5L1 B . 1.67 0.23 1.60
C17 5L1 B . -3.37 0.67 -2.10
C18 5L1 B . -2.50 1.21 -2.95
C15 5L1 B . -4.63 -0.09 0.36
C24 5L1 B . 4.06 -2.89 0.09
C26 5L1 B . 1.99 -3.19 -1.91
C16 5L1 B . -3.32 -0.47 0.11
C14 5L1 B . -5.26 -0.74 1.38
C29 5L1 B . -1.37 -1.87 -2.06
C23 5L1 B . 5.25 -2.65 0.75
C20 5L1 B . -0.04 1.65 -2.97
C22 5L1 B . 5.63 -1.35 1.02
C5 5L1 B . 0.38 2.16 2.30
C21 5L1 B . 4.79 -0.34 0.64
C6 5L1 B . 1.52 1.26 2.49
F2 5L1 B . 4.75 -1.26 2.89
C13 5L1 B . -4.60 -1.72 2.11
C10 5L1 B . 2.75 -0.62 1.74
C12 5L1 B . -3.30 -2.02 1.80
C1 5L1 B . -1.44 2.59 0.84
F1 5L1 B . 2.29 2.40 4.46
C4 5L1 B . -0.04 3.21 3.11
C9 5L1 B . 3.63 -0.40 2.76
C7 5L1 B . 2.48 1.40 3.53
C8 5L1 B . 3.54 0.58 3.67
C3 5L1 B . -1.14 3.94 2.79
C2 5L1 B . -1.90 3.66 1.63
H27 5L1 B . 0.33 -3.94 -3.08
H17 5L1 B . -4.45 0.57 -2.26
H18 5L1 B . -2.72 1.62 -3.94
H15 5L1 B . -5.13 0.68 -0.22
H24 5L1 B . 3.72 -3.90 -0.12
H26 5L1 B . 2.80 -3.87 -2.18
H14 5L1 B . -6.30 -0.49 1.63
H3C 5L1 B . -1.95 -1.91 -1.14
H3A 5L1 B . -1.75 -2.60 -2.77
H3B 5L1 B . -1.44 -0.87 -2.49
H23 5L1 B . 5.89 -3.48 1.07
H2A 5L1 B . 0.58 0.81 -3.31
H2B 5L1 B . 0.53 2.24 -2.26
H2C 5L1 B . -0.29 2.27 -3.82
H22 5L1 B . 6.58 -1.13 1.52
H21 5L1 B . 5.08 0.68 0.88
H13 5L1 B . -5.11 -2.26 2.92
H10 5L1 B . 2.90 -1.45 1.05
H12 5L1 B . -2.78 -2.77 2.38
H1 5L1 B . -1.99 2.33 -0.04
H4 5L1 B . 0.53 3.47 4.00
H8 5L1 B . 4.26 0.70 4.46
H3 5L1 B . -1.45 4.73 3.44
H2 5L1 B . -2.78 4.25 1.37
PT1 5L1 B . -0.07 0.10 -0.42
N7 5L1 B . -0.21 -2.50 -1.94
N6 5L1 B . 1.83 -2.25 -1.33
N5 5L1 B . 3.27 -0.37 -0.70
N3 5L1 B . -2.97 -0.05 -1.52
C19 5L1 B . -1.66 0.26 -1.69
N1 5L1 B . -0.73 1.83 0.42
C28 5L1 B . 0.60 -1.67 -1.27
N4 5L1 B . -1.61 0.72 -2.97
C25 5L1 B . 3.06 -1.68 -0.77
N2 5L1 B . -2.92 -1.50 0.43
C27 5L1 B . 0.50 -3.60 -2.42
C11 5L1 B . 1.33 0.32 1.05
C17 5L1 B . -3.71 0.21 -2.68
C18 5L1 B . -2.86 0.67 -3.58
C15 5L1 B . -4.95 -0.31 -0.14
C24 5L1 B . 3.90 -2.65 -0.28
C26 5L1 B . 1.76 -3.45 -2.04
C16 5L1 B . -3.64 -0.67 -0.35
C14 5L1 B . -5.57 -0.85 0.95
C29 5L1 B . -1.67 -2.30 -2.20
C23 5L1 B . 5.08 -2.24 0.30
C20 5L1 B . -0.40 1.17 -3.65
C22 5L1 B . 5.36 -0.89 0.36
C5 5L1 B . -0.01 2.27 1.52
C21 5L1 B . 4.43 -0.01 -0.13
C6 5L1 B . 1.15 1.43 1.82
F2 5L1 B . 4.45 -0.93 2.49
C13 5L1 B . -4.89 -1.74 1.78
C10 5L1 B . 2.43 -0.48 1.29
C12 5L1 B . -3.58 -2.02 1.51
C1 5L1 B . -1.84 2.49 0.04
F1 5L1 B . 1.90 2.81 3.65
C4 5L1 B . -0.45 3.41 2.22
C9 5L1 B . 3.31 -0.12 2.27
C7 5L1 B . 2.11 1.71 2.83
C8 5L1 B . 3.19 0.94 3.06
C3 5L1 B . -1.58 4.06 1.82
C2 5L1 B . -2.33 3.64 0.70
H27 5L1 B . 0.08 -4.42 -3.01
H17 5L1 B . -4.79 0.07 -2.81
H18 5L1 B . -3.09 0.96 -4.60
H15 5L1 B . -5.46 0.38 -0.80
H24 5L1 B . 3.63 -3.72 -0.34
H26 5L1 B . 2.59 -4.13 -2.25
H14 5L1 B . -6.61 -0.60 1.17
H3C 5L1 B . -2.08 -3.22 -2.62
H3A 5L1 B . -1.81 -1.48 -2.90
H3B 5L1 B . -2.18 -2.07 -1.27
H23 5L1 B . 5.79 -2.96 0.69
H2A 5L1 B . -0.31 2.25 -3.55
H2B 5L1 B . -0.46 0.92 -4.71
H2C 5L1 B . 0.47 0.69 -3.21
H22 5L1 B . 6.30 -0.54 0.79
H21 5L1 B . 4.64 1.05 -0.03
H13 5L1 B . -5.38 -2.18 2.64
H10 5L1 B . 2.60 -1.38 0.69
H12 5L1 B . -3.04 -2.69 2.16
H1 5L1 B . -2.38 2.12 -0.81
H4 5L1 B . 0.10 3.78 3.08
H8 5L1 B . 3.91 1.17 3.83
H3 5L1 B . -1.91 4.92 2.38
H2 5L1 B . -3.22 4.17 0.37
PT1 5L1 B . 0.14 0.53 0.00
N7 5L1 B . 0.00 -2.07 -1.53
N6 5L1 B . 2.04 -1.80 -0.92
N5 5L1 B . 3.48 0.06 -0.29
N3 5L1 B . -2.77 0.39 -1.12
C19 5L1 B . -1.45 0.71 -1.28
N1 5L1 B . -0.52 2.28 0.83
C28 5L1 B . 0.80 -1.23 -0.86
N4 5L1 B . -1.41 1.16 -2.57
C25 5L1 B . 3.26 -1.24 -0.36
N2 5L1 B . -2.71 -1.05 0.84
C27 5L1 B . 0.70 -3.15 -2.02
C11 5L1 B . 1.54 0.76 1.45
C17 5L1 B . -3.50 0.66 -2.27
C18 5L1 B . -2.65 1.12 -3.17
C15 5L1 B . -4.75 0.14 0.28
C24 5L1 B . 4.11 -2.22 0.13
C26 5L1 B . 1.97 -3.01 -1.64
C16 5L1 B . -3.43 -0.23 0.06
C14 5L1 B . -5.37 -0.42 1.36
C29 5L1 B . -1.46 -1.87 -1.80
C23 5L1 B . 5.30 -1.79 0.71
C20 5L1 B . -0.19 1.62 -3.24
C22 5L1 B . 5.58 -0.45 0.77
C5 5L1 B . 0.20 2.72 1.93
C21 5L1 B . 4.65 0.43 0.29
C6 5L1 B . 1.36 1.88 2.23
F2 5L1 B . 4.65 -0.49 2.89
C13 5L1 B . -4.68 -1.29 2.19
C10 5L1 B . 2.63 -0.04 1.69
C12 5L1 B . -3.37 -1.57 1.91
C1 5L1 B . -1.63 2.94 0.45
F1 5L1 B . 2.10 3.25 4.05
C4 5L1 B . -0.25 3.86 2.63
C9 5L1 B . 3.52 0.31 2.68
C7 5L1 B . 2.32 2.16 3.24
C8 5L1 B . 3.40 1.39 3.47
C3 5L1 B . -1.37 4.50 2.23
C2 5L1 B . -2.11 4.09 1.12
H27 5L1 B . 0.29 -3.97 -2.60
H17 5L1 B . -4.58 0.51 -2.40
H18 5L1 B . -2.88 1.41 -4.19
H15 5L1 B . -5.26 0.83 -0.40
H24 5L1 B . 3.84 -3.27 0.07
H26 5L1 B . 2.80 -3.69 -1.85
H14 5L1 B . -6.40 -0.15 1.58
H3C 5L1 B . -2.02 -1.99 -0.86
H3A 5L1 B . -1.80 -2.60 -2.52
H3B 5L1 B . -1.62 -0.86 -2.19
H23 5L1 B . 6.01 -2.52 1.10
H2A 5L1 B . 0.68 1.18 -2.76
H2B 5L1 B . -0.13 2.70 -3.19
H2C 5L1 B . -0.22 1.30 -4.29
H22 5L1 B . 6.51 -0.09 1.20
H21 5L1 B . 4.85 1.50 0.38
H13 5L1 B . -5.17 -1.73 3.05
H10 5L1 B . 2.81 -0.93 1.10
H12 5L1 B . -2.83 -2.25 2.58
H1 5L1 B . -2.18 2.57 -0.40
H4 5L1 B . 0.31 4.23 3.49
H8 5L1 B . 4.12 1.62 4.24
H3 5L1 B . -1.70 5.37 2.79
H2 5L1 B . -3.02 4.62 0.79
PT1 5L1 B . 0.42 0.42 0.13
N7 5L1 B . 0.32 -2.16 -1.45
N6 5L1 B . 2.35 -1.89 -0.82
N5 5L1 B . 3.77 -0.02 -0.14
N3 5L1 B . -2.47 0.26 -1.01
C19 5L1 B . -1.16 0.60 -1.16
N1 5L1 B . -0.26 2.14 0.99
C28 5L1 B . 1.11 -1.32 -0.76
N4 5L1 B . -1.11 1.08 -2.43
C25 5L1 B . 3.57 -1.32 -0.24
N2 5L1 B . -2.42 -1.22 0.91
C27 5L1 B . 1.03 -3.23 -1.95
C11 5L1 B . 1.82 0.62 1.60
C17 5L1 B . -3.20 0.55 -2.16
C18 5L1 B . -2.34 1.03 -3.05
C15 5L1 B . -4.46 -0.03 0.36
C24 5L1 B . 4.42 -2.30 0.25
C26 5L1 B . 2.30 -3.07 -1.56
C16 5L1 B . -3.14 -0.39 0.15
C14 5L1 B . -5.08 -0.61 1.43
C29 5L1 B . -1.14 -1.96 -1.72
C23 5L1 B . 5.60 -1.88 0.83
C20 5L1 B . 0.11 1.55 -3.09
C22 5L1 B . 5.86 -0.54 0.93
C5 5L1 B . 0.46 2.56 2.11
C21 5L1 B . 4.93 0.35 0.45
C6 5L1 B . 1.62 1.73 2.40
F2 5L1 B . 4.93 -0.63 3.05
C13 5L1 B . -4.40 -1.49 2.25
C10 5L1 B . 2.91 -0.17 1.83
C12 5L1 B . -3.09 -1.76 1.98
C1 5L1 B . -1.37 2.79 0.61
F1 5L1 B . 2.34 3.07 4.26
C4 5L1 B . -0.01 3.68 2.83
C9 5L1 B . 3.78 0.18 2.84
C7 5L1 B . 2.56 1.99 3.43
C8 5L1 B . 3.65 1.23 3.64
C3 5L1 B . -1.14 4.33 2.42
C2 5L1 B . -1.88 3.92 1.30
H27 5L1 B . 0.64 -4.05 -2.55
H17 5L1 B . -4.27 0.40 -2.31
H18 5L1 B . -2.57 1.35 -4.07
H15 5L1 B . -4.97 0.67 -0.29
H24 5L1 B . 4.16 -3.36 0.16
H26 5L1 B . 3.13 -3.74 -1.76
H14 5L1 B . -6.12 -0.37 1.65
H3C 5L1 B . -1.70 -2.77 -1.25
H3A 5L1 B . -1.31 -1.97 -2.80
H3B 5L1 B . -1.46 -1.01 -1.30
H23 5L1 B . 6.31 -2.61 1.22
H2A 5L1 B . -0.16 2.30 -3.85
H2B 5L1 B . 0.61 0.72 -3.57
H2C 5L1 B . 0.77 2.00 -2.35
H22 5L1 B . 6.79 -0.18 1.38
H21 5L1 B . 5.13 1.41 0.57
H13 5L1 B . -4.90 -1.96 3.10
H10 5L1 B . 3.09 -1.05 1.23
H12 5L1 B . -2.55 -2.44 2.64
H1 5L1 B . -1.91 2.44 -0.25
H4 5L1 B . 0.54 4.03 3.70
H8 5L1 B . 4.36 1.44 4.42
H3 5L1 B . -1.48 5.17 2.99
H2 5L1 B . -2.77 4.45 0.97
PT1 5L1 B . -0.06 0.39 -0.16
N7 5L1 B . -0.34 -2.15 -1.75
N6 5L1 B . 1.71 -1.98 -1.20
N5 5L1 B . 3.25 -0.20 -0.57
N3 5L1 B . -3.01 0.40 -1.18
C19 5L1 B . -1.69 0.67 -1.38
N1 5L1 B . -0.62 2.14 0.75
C28 5L1 B . 0.50 -1.36 -1.08
N4 5L1 B . -1.67 1.15 -2.63
C25 5L1 B . 2.99 -1.49 -0.68
N2 5L1 B . -2.94 -1.11 0.74
C27 5L1 B . 0.29 -3.26 -2.29
C11 5L1 B . 1.40 0.52 1.27
C17 5L1 B . -3.77 0.72 -2.28
C18 5L1 B . -2.93 1.17 -3.20
C15 5L1 B . -4.94 0.17 0.28
C24 5L1 B . 3.80 -2.51 -0.23
C26 5L1 B . 1.58 -3.16 -1.95
C16 5L1 B . -3.66 -0.24 0.01
C14 5L1 B . -5.55 -0.38 1.37
C29 5L1 B . -1.81 -1.88 -1.96
C23 5L1 B . 5.02 -2.16 0.31
C20 5L1 B . -0.46 1.58 -3.35
C22 5L1 B . 5.35 -0.82 0.40
C5 5L1 B . 0.15 2.51 1.84
C21 5L1 B . 4.45 0.11 -0.02
C6 5L1 B . 1.29 1.62 2.07
F2 5L1 B . 4.50 -0.90 2.56
C13 5L1 B . -4.87 -1.31 2.15
C10 5L1 B . 2.47 -0.32 1.44
C12 5L1 B . -3.59 -1.64 1.82
C1 5L1 B . -1.71 2.85 0.43
F1 5L1 B . 2.14 2.91 3.91
C4 5L1 B . -0.23 3.64 2.59
C9 5L1 B . 3.39 -0.04 2.40
C7 5L1 B . 2.29 1.83 3.07
C8 5L1 B . 3.34 1.01 3.23
C3 5L1 B . -1.34 4.35 2.24
C2 5L1 B . -2.14 3.99 1.15
H27 5L1 B . -0.17 -4.05 -2.88
H17 5L1 B . -4.85 0.62 -2.39
H18 5L1 B . -3.18 1.51 -4.21
H15 5L1 B . -5.45 0.90 -0.35
H24 5L1 B . 3.50 -3.55 -0.31
H26 5L1 B . 2.36 -3.87 -2.21
H14 5L1 B . -6.57 -0.09 1.64
H3C 5L1 B . -2.34 -2.84 -2.05
H3A 5L1 B . -1.95 -1.30 -2.86
H3B 5L1 B . -2.21 -1.34 -1.10
H23 5L1 B . 5.71 -2.91 0.65
H2A 5L1 B . -0.68 2.47 -3.94
H2B 5L1 B . -0.11 0.78 -4.00
H2C 5L1 B . 0.33 1.82 -2.62
H22 5L1 B . 6.32 -0.51 0.82
H21 5L1 B . 4.70 1.16 0.09
H13 5L1 B . -5.36 -1.77 3.02
H10 5L1 B . 2.59 -1.21 0.81
H12 5L1 B . -3.05 -2.35 2.44
H1 5L1 B . -2.30 2.53 -0.42
H4 5L1 B . 0.37 3.96 3.43
H8 5L1 B . 4.10 1.19 3.98
H3 5L1 B . -1.62 5.20 2.83
H2 5L1 B . -3.02 4.56 0.86
PT1 5L1 B . -0.19 0.33 -0.35
N7 5L1 B . -0.31 -2.26 -1.87
N6 5L1 B . 1.72 -2.00 -1.27
N5 5L1 B . 3.16 -0.14 -0.63
N3 5L1 B . -3.09 0.19 -1.46
C19 5L1 B . -1.77 0.51 -1.63
N1 5L1 B . -0.84 2.08 0.49
C28 5L1 B . 0.49 -1.43 -1.20
N4 5L1 B . -1.73 0.95 -2.90
C25 5L1 B . 2.95 -1.44 -0.71
N2 5L1 B . -3.03 -1.25 0.49
C27 5L1 B . 0.38 -3.36 -2.36
C11 5L1 B . 1.22 0.56 1.11
C17 5L1 B . -3.82 0.45 -2.61
C18 5L1 B . -2.97 0.92 -3.51
C15 5L1 B . -5.06 -0.07 -0.07
C24 5L1 B . 3.79 -2.42 -0.22
C26 5L1 B . 1.65 -3.21 -1.98
C16 5L1 B . -3.75 -0.44 -0.29
C14 5L1 B . -5.68 -0.61 1.02
C29 5L1 B . -1.77 -2.06 -2.13
C23 5L1 B . 4.97 -1.99 0.36
C20 5L1 B . -0.51 1.41 -3.59
C22 5L1 B . 5.25 -0.65 0.43
C5 5L1 B . -0.12 2.51 1.59
C21 5L1 B . 4.32 0.23 -0.05
C6 5L1 B . 1.05 1.68 1.89
F2 5L1 B . 4.33 -0.69 2.55
C13 5L1 B . -5.00 -1.49 1.85
C10 5L1 B . 2.32 -0.23 1.35
C12 5L1 B . -3.69 -1.78 1.56
C1 5L1 B . -1.95 2.73 0.11
F1 5L1 B . 1.78 3.05 3.71
C4 5L1 B . -0.57 3.65 2.29
C9 5L1 B . 3.19 0.12 2.33
C7 5L1 B . 1.99 1.96 2.90
C8 5L1 B . 3.08 1.19 3.13
C3 5L1 B . -1.69 4.30 1.88
C2 5L1 B . -2.44 3.89 0.77
H27 5L1 B . -0.02 -4.18 -2.94
H17 5L1 B . -4.90 0.31 -2.75
H18 5L1 B . -3.20 1.21 -4.53
H15 5L1 B . -5.58 0.62 -0.73
H24 5L1 B . 3.53 -3.47 -0.27
H26 5L1 B . 2.48 -3.88 -2.19
H14 5L1 B . -6.72 -0.36 1.23
H3C 5L1 B . -2.36 -2.69 -1.45
H3A 5L1 B . -2.00 -2.34 -3.16
H3B 5L1 B . -2.04 -1.02 -1.98
H23 5L1 B . 5.68 -2.72 0.75
H2A 5L1 B . -0.71 2.35 -4.10
H2B 5L1 B . -0.20 0.66 -4.31
H2C 5L1 B . 0.28 1.56 -2.86
H22 5L1 B . 6.19 -0.30 0.86
H21 5L1 B . 4.54 1.30 0.04
H13 5L1 B . -5.49 -1.94 2.70
H10 5L1 B . 2.49 -1.14 0.75
H12 5L1 B . -3.16 -2.45 2.24
H1 5L1 B . -2.49 2.37 -0.75
H4 5L1 B . -0.01 4.02 3.15
H8 5L1 B . 3.80 1.41 3.90
H3 5L1 B . -2.02 5.16 2.44
H2 5L1 B . -3.34 4.40 0.44
PT1 5L1 B . 0.08 0.33 -0.22
N7 5L1 B . -0.20 -2.09 -2.04
N6 5L1 B . 1.80 -2.08 -1.28
N5 5L1 B . 3.41 -0.42 -0.42
N3 5L1 B . -2.82 0.47 -1.37
C19 5L1 B . -1.49 0.71 -1.49
N1 5L1 B . -0.49 2.04 0.75
C28 5L1 B . 0.61 -1.41 -1.22
N4 5L1 B . -1.39 1.27 -2.73
C25 5L1 B . 3.06 -1.68 -0.63
N2 5L1 B . -2.88 -1.13 0.45
C27 5L1 B . 0.44 -3.18 -2.60
C11 5L1 B . 1.47 0.35 1.27
C17 5L1 B . -3.53 0.87 -2.50
C18 5L1 B . -2.62 1.35 -3.34
C15 5L1 B . -4.83 0.23 -0.03
C24 5L1 B . 3.79 -2.78 -0.21
C26 5L1 B . 1.69 -3.19 -2.14
C16 5L1 B . -3.54 -0.21 -0.26
C14 5L1 B . -5.51 -0.37 1.01
C29 5L1 B . -1.62 -1.74 -2.36
C23 5L1 B . 5.00 -2.53 0.43
C20 5L1 B . -0.14 1.70 -3.36
C22 5L1 B . 5.40 -1.24 0.63
C5 5L1 B . 0.24 2.33 1.90
C21 5L1 B . 4.58 -0.22 0.21
C6 5L1 B . 1.35 1.40 2.13
F2 5L1 B . 4.46 -1.23 2.63
C13 5L1 B . -4.89 -1.35 1.76
C10 5L1 B . 2.50 -0.54 1.45
C12 5L1 B . -3.60 -1.70 1.48
C1 5L1 B . -1.55 2.79 0.42
F1 5L1 B . 2.14 2.56 4.08
C4 5L1 B . -0.15 3.44 2.68
C9 5L1 B . 3.38 -0.33 2.48
C7 5L1 B . 2.29 1.53 3.18
C8 5L1 B . 3.32 0.68 3.35
C3 5L1 B . -1.22 4.18 2.33
C2 5L1 B . -1.98 3.91 1.18
H27 5L1 B . 0.01 -3.89 -3.30
H17 5L1 B . -4.60 0.81 -2.66
H18 5L1 B . -2.82 1.74 -4.35
H15 5L1 B . -5.30 1.00 -0.64
H24 5L1 B . 3.42 -3.80 -0.37
H26 5L1 B . 2.47 -3.92 -2.36
H14 5L1 B . -6.52 -0.07 1.23
H3C 5L1 B . -2.24 -2.63 -2.32
H3A 5L1 B . -1.67 -1.32 -3.37
H3B 5L1 B . -1.99 -1.00 -1.66
H23 5L1 B . 5.62 -3.37 0.76
H2A 5L1 B . -0.37 2.25 -4.27
H2B 5L1 B . 0.47 0.83 -3.59
H2C 5L1 B . 0.41 2.35 -2.67
H22 5L1 B . 6.36 -1.02 1.10
H21 5L1 B . 4.89 0.80 0.41
H13 5L1 B . -5.43 -1.84 2.58
H10 5L1 B . 2.63 -1.39 0.79
H12 5L1 B . -3.11 -2.47 2.09
H1 5L1 B . -2.10 2.54 -0.46
H4 5L1 B . 0.42 3.69 3.58
H8 5L1 B . 4.04 0.79 4.15
H3 5L1 B . -1.50 5.02 2.95
H2 5L1 B . -2.83 4.52 0.88
PT1 5L1 B . 0.20 0.16 -0.10
N7 5L1 B . -0.14 -2.32 -1.82
N6 5L1 B . 1.86 -2.33 -1.08
N5 5L1 B . 3.51 -0.67 -0.30
N3 5L1 B . -2.71 0.30 -1.23
C19 5L1 B . -1.37 0.51 -1.37
N1 5L1 B . -0.32 1.91 0.82
C28 5L1 B . 0.69 -1.64 -1.05
N4 5L1 B . -1.27 1.02 -2.63
C25 5L1 B . 3.15 -1.93 -0.45
N2 5L1 B . -2.79 -1.23 0.65
C27 5L1 B . 0.48 -3.45 -2.35
C11 5L1 B . 1.60 0.19 1.38
C17 5L1 B . -3.41 0.68 -2.37
C18 5L1 B . -2.51 1.11 -3.24
C15 5L1 B . -4.71 0.15 0.13
C24 5L1 B . 3.85 -3.03 0.00
C26 5L1 B . 1.72 -3.46 -1.89
C16 5L1 B . -3.43 -0.32 -0.08
C14 5L1 B . -5.39 -0.39 1.19
C29 5L1 B . -1.55 -1.96 -2.15
C23 5L1 B . 5.07 -2.78 0.62
C20 5L1 B . -0.02 1.40 -3.28
C22 5L1 B . 5.49 -1.49 0.77
C5 5L1 B . 0.42 2.22 1.94
C21 5L1 B . 4.69 -0.47 0.33
C6 5L1 B . 1.50 1.28 2.20
F2 5L1 B . 4.58 -1.38 2.78
C13 5L1 B . -4.79 -1.37 1.99
C10 5L1 B . 2.62 -0.70 1.59
C12 5L1 B . -3.50 -1.75 1.71
C1 5L1 B . -1.37 2.67 0.46
F1 5L1 B . 2.33 2.51 4.10
C4 5L1 B . 0.05 3.37 2.69
C9 5L1 B . 3.50 -0.47 2.60
C7 5L1 B . 2.46 1.43 3.23
C8 5L1 B . 3.48 0.56 3.43
C3 5L1 B . -1.01 4.12 2.31
C2 5L1 B . -1.78 3.82 1.18
H27 5L1 B . 0.02 -4.19 -3.01
H17 5L1 B . -4.49 0.64 -2.52
H18 5L1 B . -2.70 1.46 -4.26
H15 5L1 B . -5.16 0.91 -0.50
H24 5L1 B . 3.47 -4.04 -0.12
H26 5L1 B . 2.50 -4.21 -2.10
H14 5L1 B . -6.40 -0.07 1.42
H3C 5L1 B . -1.98 -2.70 -2.83
H3A 5L1 B . -1.57 -0.98 -2.63
H3B 5L1 B . -2.14 -1.93 -1.24
H23 5L1 B . 5.68 -3.62 0.97
H2A 5L1 B . 0.02 0.95 -4.27
H2B 5L1 B . 0.83 1.05 -2.68
H2C 5L1 B . 0.02 2.49 -3.37
H22 5L1 B . 6.46 -1.27 1.24
H21 5L1 B . 5.02 0.55 0.47
H13 5L1 B . -5.32 -1.81 2.82
H10 5L1 B . 2.72 -1.58 0.96
H12 5L1 B . -3.03 -2.49 2.34
H1 5L1 B . -1.95 2.38 -0.41
H4 5L1 B . 0.63 3.65 3.57
H8 5L1 B . 4.21 0.70 4.22
H3 5L1 B . -1.27 4.98 2.90
H2 5L1 B . -2.62 4.43 0.87
PT1 5L1 B . -0.07 0.10 -0.42
N7 5L1 B . -0.21 -2.50 -1.94
N6 5L1 B . 1.83 -2.25 -1.33
N5 5L1 B . 3.27 -0.37 -0.70
N3 5L1 B . -2.97 -0.05 -1.52
C19 5L1 B . -1.66 0.26 -1.69
N1 5L1 B . -0.73 1.83 0.42
C28 5L1 B . 0.60 -1.67 -1.27
N4 5L1 B . -1.61 0.72 -2.97
C25 5L1 B . 3.06 -1.68 -0.77
N2 5L1 B . -2.92 -1.50 0.43
C27 5L1 B . 0.50 -3.60 -2.42
C11 5L1 B . 1.33 0.32 1.05
C17 5L1 B . -3.71 0.21 -2.68
C18 5L1 B . -2.86 0.67 -3.58
C15 5L1 B . -4.95 -0.31 -0.14
C24 5L1 B . 3.90 -2.65 -0.28
C26 5L1 B . 1.76 -3.45 -2.04
C16 5L1 B . -3.64 -0.67 -0.35
C14 5L1 B . -5.57 -0.85 0.95
C29 5L1 B . -1.67 -2.30 -2.20
C23 5L1 B . 5.08 -2.24 0.30
C20 5L1 B . -0.40 1.17 -3.65
C22 5L1 B . 5.36 -0.89 0.36
C5 5L1 B . -0.01 2.27 1.52
C21 5L1 B . 4.43 -0.01 -0.13
C6 5L1 B . 1.15 1.43 1.82
F2 5L1 B . 4.45 -0.93 2.49
C13 5L1 B . -4.89 -1.74 1.78
C10 5L1 B . 2.43 -0.48 1.29
C12 5L1 B . -3.58 -2.02 1.51
C1 5L1 B . -1.84 2.49 0.04
F1 5L1 B . 1.90 2.81 3.65
C4 5L1 B . -0.45 3.41 2.22
C9 5L1 B . 3.31 -0.12 2.27
C7 5L1 B . 2.11 1.71 2.83
C8 5L1 B . 3.19 0.94 3.06
C3 5L1 B . -1.58 4.06 1.82
C2 5L1 B . -2.33 3.64 0.70
H27 5L1 B . 0.08 -4.42 -3.01
H17 5L1 B . -4.79 0.07 -2.81
H18 5L1 B . -3.09 0.96 -4.60
H15 5L1 B . -5.46 0.38 -0.80
H24 5L1 B . 3.63 -3.72 -0.34
H26 5L1 B . 2.59 -4.13 -2.25
H14 5L1 B . -6.61 -0.60 1.17
H3C 5L1 B . -2.08 -3.22 -2.62
H3A 5L1 B . -1.81 -1.48 -2.90
H3B 5L1 B . -2.18 -2.07 -1.27
H23 5L1 B . 5.79 -2.96 0.69
H2A 5L1 B . -0.31 2.25 -3.55
H2B 5L1 B . -0.46 0.92 -4.71
H2C 5L1 B . 0.47 0.69 -3.21
H22 5L1 B . 6.30 -0.54 0.79
H21 5L1 B . 4.64 1.05 -0.03
H13 5L1 B . -5.38 -2.18 2.64
H10 5L1 B . 2.60 -1.38 0.69
H12 5L1 B . -3.04 -2.69 2.16
H1 5L1 B . -2.38 2.12 -0.81
H4 5L1 B . 0.10 3.78 3.08
H8 5L1 B . 3.91 1.17 3.83
H3 5L1 B . -1.91 4.92 2.38
H2 5L1 B . -3.22 4.17 0.37
#